data_6W2V
#
_entry.id   6W2V
#
_cell.length_a   62.046
_cell.length_b   41.084
_cell.length_c   94.046
_cell.angle_alpha   90.000
_cell.angle_beta   104.860
_cell.angle_gamma   90.000
#
_symmetry.space_group_name_H-M   'P 1 21 1'
#
loop_
_entity.id
_entity.type
_entity.pdbx_description
1 polymer 'Junction 23 DHR14-DHR18'
2 water water
#
_entity_poly.entity_id   1
_entity_poly.type   'polypeptide(L)'
_entity_poly.pdbx_seq_one_letter_code
;MDSEEVNERVKQLAEKAKEATDKEEVIEIVKELAELAKQSTDPNLVAEVVRALTEVAKTSTDTELIREIIKVLLELASKL
RDPQAVLEALQAVAELARELAEKTGDPIAKECAEAVSAAAEAVKKAADLLKRHPGSEAAQAALELAKAAAEAVLIACLLA
LDYPKSDIAKKCIKAASEAAEEASKAAEEAQRHPDSQKARDEIKEASQKAEEVKERCERAQEHPNAGWLEHHHHHH
;
_entity_poly.pdbx_strand_id   A,B
#
# COMPACT_ATOMS: atom_id res chain seq x y z
N ALA A 20 -17.57 -13.97 8.82
CA ALA A 20 -17.41 -15.25 8.14
C ALA A 20 -18.53 -16.20 8.53
N THR A 21 -19.78 -15.80 8.27
CA THR A 21 -20.91 -16.66 8.56
C THR A 21 -20.74 -18.05 7.93
N ASP A 22 -20.18 -18.09 6.72
CA ASP A 22 -19.91 -19.34 6.03
C ASP A 22 -19.13 -19.04 4.77
N LYS A 23 -18.22 -19.95 4.41
CA LYS A 23 -17.41 -19.76 3.22
C LYS A 23 -18.29 -19.60 1.97
N GLU A 24 -19.34 -20.41 1.85
CA GLU A 24 -20.23 -20.28 0.70
C GLU A 24 -21.05 -19.01 0.80
N GLU A 25 -21.40 -18.57 2.01
CA GLU A 25 -22.20 -17.36 2.16
C GLU A 25 -21.47 -16.14 1.59
N VAL A 26 -20.25 -15.89 2.06
CA VAL A 26 -19.46 -14.78 1.55
C VAL A 26 -19.32 -14.87 0.03
N ILE A 27 -19.10 -16.09 -0.48
CA ILE A 27 -19.05 -16.27 -1.94
C ILE A 27 -20.34 -15.79 -2.59
N GLU A 28 -21.48 -16.11 -1.98
CA GLU A 28 -22.75 -15.61 -2.50
C GLU A 28 -22.84 -14.09 -2.39
N ILE A 29 -22.18 -13.51 -1.38
CA ILE A 29 -22.23 -12.07 -1.18
C ILE A 29 -21.52 -11.34 -2.32
N VAL A 30 -20.28 -11.76 -2.62
CA VAL A 30 -19.51 -11.08 -3.66
C VAL A 30 -20.21 -11.16 -5.01
N LYS A 31 -20.86 -12.30 -5.29
CA LYS A 31 -21.59 -12.43 -6.55
C LYS A 31 -22.67 -11.37 -6.67
N GLU A 32 -23.39 -11.11 -5.57
CA GLU A 32 -24.38 -10.02 -5.57
C GLU A 32 -23.71 -8.68 -5.84
N LEU A 33 -22.51 -8.47 -5.28
CA LEU A 33 -21.76 -7.25 -5.57
C LEU A 33 -21.27 -7.22 -7.02
N ALA A 34 -20.78 -8.36 -7.52
CA ALA A 34 -20.33 -8.43 -8.91
C ALA A 34 -21.49 -8.15 -9.87
N GLU A 35 -22.60 -8.86 -9.72
CA GLU A 35 -23.76 -8.63 -10.57
C GLU A 35 -24.23 -7.18 -10.45
N LEU A 36 -24.22 -6.62 -9.24
CA LEU A 36 -24.59 -5.22 -9.05
C LEU A 36 -23.61 -4.27 -9.74
N ALA A 37 -22.33 -4.64 -9.80
CA ALA A 37 -21.35 -3.81 -10.48
C ALA A 37 -21.66 -3.70 -11.97
N LYS A 38 -22.04 -4.82 -12.59
CA LYS A 38 -22.34 -4.81 -14.02
C LYS A 38 -23.55 -3.96 -14.32
N GLN A 39 -24.53 -3.94 -13.40
CA GLN A 39 -25.79 -3.22 -13.66
C GLN A 39 -25.61 -1.71 -13.59
N SER A 40 -24.71 -1.22 -12.74
CA SER A 40 -24.57 0.21 -12.54
C SER A 40 -23.98 0.87 -13.80
N THR A 41 -24.39 2.13 -14.02
CA THR A 41 -23.89 2.93 -15.13
C THR A 41 -23.05 4.11 -14.65
N ASP A 42 -22.75 4.18 -13.35
CA ASP A 42 -21.94 5.25 -12.77
C ASP A 42 -20.54 4.73 -12.46
N PRO A 43 -19.49 5.36 -12.98
CA PRO A 43 -18.14 4.79 -12.81
C PRO A 43 -17.68 4.73 -11.36
N ASN A 44 -18.06 5.70 -10.53
CA ASN A 44 -17.59 5.71 -9.15
C ASN A 44 -18.09 4.50 -8.38
N LEU A 45 -19.38 4.15 -8.53
CA LEU A 45 -19.93 3.00 -7.82
C LEU A 45 -19.22 1.70 -8.20
N VAL A 46 -18.89 1.54 -9.48
CA VAL A 46 -18.18 0.34 -9.93
C VAL A 46 -16.81 0.26 -9.29
N ALA A 47 -16.06 1.37 -9.32
CA ALA A 47 -14.74 1.40 -8.69
C ALA A 47 -14.83 0.98 -7.22
N GLU A 48 -15.91 1.37 -6.54
CA GLU A 48 -16.08 0.97 -5.16
C GLU A 48 -16.26 -0.54 -5.04
N VAL A 49 -17.00 -1.14 -5.96
CA VAL A 49 -17.22 -2.59 -5.91
C VAL A 49 -15.89 -3.33 -6.03
N VAL A 50 -15.04 -2.88 -6.95
CA VAL A 50 -13.72 -3.51 -7.10
C VAL A 50 -12.92 -3.35 -5.83
N ARG A 51 -12.79 -2.11 -5.33
CA ARG A 51 -12.05 -1.88 -4.10
C ARG A 51 -12.59 -2.74 -2.96
N ALA A 52 -13.93 -2.80 -2.83
CA ALA A 52 -14.53 -3.64 -1.81
C ALA A 52 -14.18 -5.12 -2.02
N LEU A 53 -14.42 -5.63 -3.23
CA LEU A 53 -14.05 -7.01 -3.54
C LEU A 53 -12.56 -7.24 -3.30
N THR A 54 -11.72 -6.23 -3.57
CA THR A 54 -10.29 -6.38 -3.35
C THR A 54 -9.96 -6.40 -1.86
N GLU A 55 -10.71 -5.62 -1.06
CA GLU A 55 -10.46 -5.59 0.37
C GLU A 55 -10.66 -6.97 1.00
N VAL A 56 -11.80 -7.60 0.71
CA VAL A 56 -12.11 -8.91 1.30
C VAL A 56 -10.97 -9.88 1.05
N ALA A 57 -10.60 -10.07 -0.22
CA ALA A 57 -9.51 -10.99 -0.53
C ALA A 57 -8.20 -10.56 0.13
N LYS A 58 -7.97 -9.24 0.21
CA LYS A 58 -6.75 -8.75 0.83
C LYS A 58 -6.70 -9.07 2.32
N THR A 59 -7.86 -9.13 2.98
CA THR A 59 -7.92 -9.44 4.41
C THR A 59 -8.13 -10.92 4.69
N SER A 60 -8.71 -11.67 3.75
CA SER A 60 -9.00 -13.07 3.99
C SER A 60 -7.71 -13.89 4.06
N THR A 61 -7.70 -14.88 4.94
CA THR A 61 -6.62 -15.87 5.01
C THR A 61 -7.01 -17.19 4.35
N ASP A 62 -8.14 -17.22 3.65
CA ASP A 62 -8.66 -18.43 3.00
C ASP A 62 -8.33 -18.35 1.52
N THR A 63 -7.32 -19.12 1.10
CA THR A 63 -6.86 -19.03 -0.29
C THR A 63 -7.96 -19.39 -1.27
N GLU A 64 -8.75 -20.43 -0.96
CA GLU A 64 -9.86 -20.80 -1.83
C GLU A 64 -10.88 -19.65 -1.94
N LEU A 65 -11.09 -18.91 -0.86
CA LEU A 65 -11.96 -17.72 -0.93
C LEU A 65 -11.33 -16.65 -1.81
N ILE A 66 -10.02 -16.42 -1.63
CA ILE A 66 -9.30 -15.51 -2.51
C ILE A 66 -9.40 -16.00 -3.95
N ARG A 67 -9.07 -17.28 -4.18
CA ARG A 67 -9.15 -17.85 -5.51
C ARG A 67 -10.51 -17.63 -6.13
N GLU A 68 -11.58 -17.87 -5.36
CA GLU A 68 -12.93 -17.71 -5.89
C GLU A 68 -13.22 -16.25 -6.22
N ILE A 69 -12.75 -15.32 -5.37
CA ILE A 69 -13.01 -13.90 -5.61
C ILE A 69 -12.34 -13.44 -6.90
N ILE A 70 -11.14 -13.94 -7.18
CA ILE A 70 -10.46 -13.61 -8.42
C ILE A 70 -11.31 -14.07 -9.61
N LYS A 71 -11.84 -15.28 -9.53
CA LYS A 71 -12.69 -15.79 -10.61
C LYS A 71 -13.86 -14.84 -10.86
N VAL A 72 -14.45 -14.31 -9.79
CA VAL A 72 -15.53 -13.34 -9.96
C VAL A 72 -15.00 -12.08 -10.64
N LEU A 73 -13.78 -11.67 -10.30
CA LEU A 73 -13.21 -10.48 -10.92
C LEU A 73 -12.86 -10.72 -12.38
N LEU A 74 -12.38 -11.92 -12.71
CA LEU A 74 -12.10 -12.24 -14.11
C LEU A 74 -13.38 -12.08 -14.94
N GLU A 75 -14.46 -12.74 -14.51
CA GLU A 75 -15.72 -12.65 -15.25
C GLU A 75 -16.22 -11.21 -15.32
N LEU A 76 -16.00 -10.43 -14.26
CA LEU A 76 -16.49 -9.06 -14.25
C LEU A 76 -15.77 -8.22 -15.29
N ALA A 77 -14.44 -8.31 -15.34
CA ALA A 77 -13.68 -7.60 -16.37
C ALA A 77 -14.17 -7.95 -17.75
N SER A 78 -14.63 -9.19 -17.95
CA SER A 78 -15.14 -9.59 -19.24
C SER A 78 -16.45 -8.90 -19.59
N LYS A 79 -17.22 -8.49 -18.59
CA LYS A 79 -18.57 -7.96 -18.81
C LYS A 79 -18.67 -6.45 -18.58
N LEU A 80 -17.65 -5.81 -18.02
CA LEU A 80 -17.71 -4.36 -17.84
C LEU A 80 -17.58 -3.65 -19.18
N ARG A 81 -18.40 -2.62 -19.38
CA ARG A 81 -18.47 -1.91 -20.66
C ARG A 81 -17.81 -0.53 -20.59
N ASP A 82 -17.17 -0.19 -19.47
CA ASP A 82 -16.44 1.06 -19.37
C ASP A 82 -14.95 0.76 -19.34
N PRO A 83 -14.15 1.30 -20.26
CA PRO A 83 -12.70 1.00 -20.25
C PRO A 83 -12.03 1.28 -18.91
N GLN A 84 -12.34 2.40 -18.26
CA GLN A 84 -11.76 2.67 -16.95
C GLN A 84 -12.07 1.54 -15.99
N ALA A 85 -13.33 1.09 -15.96
CA ALA A 85 -13.72 0.02 -15.06
C ALA A 85 -13.04 -1.30 -15.42
N VAL A 86 -12.83 -1.56 -16.71
CA VAL A 86 -12.15 -2.79 -17.13
C VAL A 86 -10.73 -2.82 -16.60
N LEU A 87 -9.94 -1.77 -16.90
CA LEU A 87 -8.58 -1.72 -16.41
C LEU A 87 -8.53 -1.82 -14.90
N GLU A 88 -9.45 -1.13 -14.21
CA GLU A 88 -9.54 -1.25 -12.77
C GLU A 88 -9.76 -2.71 -12.34
N ALA A 89 -10.57 -3.45 -13.10
CA ALA A 89 -10.77 -4.85 -12.79
C ALA A 89 -9.52 -5.66 -13.08
N LEU A 90 -8.83 -5.37 -14.20
CA LEU A 90 -7.62 -6.12 -14.53
C LEU A 90 -6.52 -5.85 -13.52
N GLN A 91 -6.40 -4.59 -13.06
CA GLN A 91 -5.39 -4.28 -12.05
C GLN A 91 -5.65 -5.07 -10.77
N ALA A 92 -6.90 -5.10 -10.32
CA ALA A 92 -7.25 -5.85 -9.10
C ALA A 92 -6.90 -7.32 -9.25
N VAL A 93 -7.25 -7.92 -10.40
CA VAL A 93 -6.92 -9.33 -10.63
C VAL A 93 -5.43 -9.55 -10.55
N ALA A 94 -4.64 -8.66 -11.14
CA ALA A 94 -3.19 -8.77 -11.05
C ALA A 94 -2.74 -8.75 -9.59
N GLU A 95 -3.30 -7.85 -8.79
CA GLU A 95 -2.88 -7.73 -7.39
C GLU A 95 -3.17 -9.01 -6.61
N LEU A 96 -4.43 -9.46 -6.62
CA LEU A 96 -4.81 -10.65 -5.87
C LEU A 96 -4.09 -11.89 -6.39
N ALA A 97 -3.92 -11.99 -7.71
CA ALA A 97 -3.22 -13.14 -8.27
C ALA A 97 -1.79 -13.22 -7.77
N ARG A 98 -1.13 -12.06 -7.64
CA ARG A 98 0.24 -12.05 -7.14
C ARG A 98 0.29 -12.43 -5.66
N GLU A 99 -0.64 -11.90 -4.87
CA GLU A 99 -0.74 -12.30 -3.47
C GLU A 99 -1.05 -13.79 -3.33
N LEU A 100 -2.00 -14.28 -4.13
CA LEU A 100 -2.37 -15.69 -4.06
C LEU A 100 -1.19 -16.59 -4.42
N ALA A 101 -0.37 -16.17 -5.39
CA ALA A 101 0.82 -16.95 -5.74
C ALA A 101 1.80 -17.02 -4.57
N GLU A 102 2.01 -15.90 -3.87
CA GLU A 102 2.94 -15.88 -2.75
C GLU A 102 2.45 -16.79 -1.62
N LYS A 103 1.16 -16.71 -1.30
CA LYS A 103 0.58 -17.55 -0.26
C LYS A 103 0.74 -19.03 -0.61
N THR A 104 0.07 -19.47 -1.68
CA THR A 104 0.13 -20.86 -2.10
C THR A 104 1.52 -21.26 -2.59
N GLY A 105 2.42 -20.32 -2.83
CA GLY A 105 3.67 -20.65 -3.49
C GLY A 105 3.47 -21.29 -4.84
N ASP A 106 2.36 -20.99 -5.51
CA ASP A 106 2.01 -21.62 -6.77
C ASP A 106 2.54 -20.78 -7.93
N PRO A 107 3.35 -21.32 -8.82
CA PRO A 107 3.90 -20.48 -9.91
C PRO A 107 2.85 -20.01 -10.90
N ILE A 108 1.92 -20.89 -11.30
CA ILE A 108 0.91 -20.50 -12.29
C ILE A 108 0.18 -19.23 -11.86
N ALA A 109 -0.17 -19.15 -10.57
CA ALA A 109 -0.82 -17.94 -10.07
C ALA A 109 0.05 -16.72 -10.33
N LYS A 110 1.38 -16.88 -10.27
CA LYS A 110 2.27 -15.80 -10.66
C LYS A 110 2.22 -15.58 -12.17
N GLU A 111 2.30 -16.67 -12.94
CA GLU A 111 2.21 -16.56 -14.40
C GLU A 111 0.94 -15.83 -14.81
N CYS A 112 -0.20 -16.24 -14.25
CA CYS A 112 -1.46 -15.55 -14.56
C CYS A 112 -1.37 -14.06 -14.19
N ALA A 113 -0.79 -13.75 -13.03
CA ALA A 113 -0.69 -12.36 -12.59
C ALA A 113 0.11 -11.53 -13.58
N GLU A 114 1.23 -12.07 -14.08
CA GLU A 114 2.04 -11.35 -15.05
C GLU A 114 1.28 -11.16 -16.37
N ALA A 115 0.59 -12.21 -16.83
CA ALA A 115 -0.11 -12.12 -18.10
C ALA A 115 -1.22 -11.07 -18.05
N VAL A 116 -1.95 -11.01 -16.94
CA VAL A 116 -2.99 -9.99 -16.77
C VAL A 116 -2.37 -8.60 -16.87
N SER A 117 -1.28 -8.37 -16.14
CA SER A 117 -0.63 -7.07 -16.19
C SER A 117 -0.16 -6.75 -17.61
N ALA A 118 0.39 -7.74 -18.30
CA ALA A 118 0.78 -7.52 -19.69
C ALA A 118 -0.43 -7.17 -20.54
N ALA A 119 -1.55 -7.87 -20.32
CA ALA A 119 -2.77 -7.61 -21.09
C ALA A 119 -3.30 -6.21 -20.81
N ALA A 120 -3.39 -5.82 -19.54
CA ALA A 120 -3.90 -4.49 -19.22
C ALA A 120 -3.03 -3.42 -19.88
N GLU A 121 -1.71 -3.59 -19.83
CA GLU A 121 -0.80 -2.59 -20.37
C GLU A 121 -1.05 -2.38 -21.87
N ALA A 122 -1.12 -3.48 -22.63
CA ALA A 122 -1.35 -3.37 -24.06
C ALA A 122 -2.68 -2.68 -24.37
N VAL A 123 -3.73 -3.05 -23.63
CA VAL A 123 -5.02 -2.38 -23.78
C VAL A 123 -4.86 -0.88 -23.55
N LYS A 124 -4.22 -0.50 -22.44
CA LYS A 124 -4.02 0.91 -22.14
C LYS A 124 -3.22 1.60 -23.24
N LYS A 125 -2.17 0.94 -23.74
CA LYS A 125 -1.37 1.51 -24.82
C LYS A 125 -2.21 1.69 -26.08
N ALA A 126 -2.87 0.62 -26.52
CA ALA A 126 -3.62 0.68 -27.77
C ALA A 126 -4.75 1.69 -27.68
N ALA A 127 -5.49 1.69 -26.57
CA ALA A 127 -6.57 2.65 -26.41
C ALA A 127 -6.04 4.07 -26.44
N ASP A 128 -4.93 4.33 -25.75
CA ASP A 128 -4.32 5.66 -25.78
C ASP A 128 -4.00 6.06 -27.22
N LEU A 129 -3.30 5.19 -27.94
CA LEU A 129 -2.93 5.50 -29.32
C LEU A 129 -4.15 5.83 -30.16
N LEU A 130 -5.14 4.95 -30.17
CA LEU A 130 -6.30 5.15 -31.03
C LEU A 130 -6.94 6.52 -30.78
N LYS A 131 -6.97 6.95 -29.52
CA LYS A 131 -7.48 8.28 -29.22
C LYS A 131 -6.70 9.35 -29.97
N ARG A 132 -5.40 9.14 -30.19
CA ARG A 132 -4.59 10.13 -30.88
C ARG A 132 -4.73 10.04 -32.40
N HIS A 133 -5.04 8.85 -32.93
CA HIS A 133 -5.21 8.65 -34.37
C HIS A 133 -6.52 7.89 -34.62
N PRO A 134 -7.67 8.51 -34.32
CA PRO A 134 -8.94 7.79 -34.42
C PRO A 134 -9.23 7.20 -35.79
N GLY A 135 -8.63 7.72 -36.86
CA GLY A 135 -8.88 7.22 -38.19
C GLY A 135 -7.89 6.19 -38.70
N SER A 136 -6.86 5.87 -37.92
CA SER A 136 -5.82 4.94 -38.34
C SER A 136 -6.34 3.52 -38.21
N GLU A 137 -6.65 2.89 -39.34
CA GLU A 137 -7.14 1.51 -39.29
C GLU A 137 -6.15 0.58 -38.62
N ALA A 138 -4.85 0.84 -38.79
CA ALA A 138 -3.85 0.04 -38.09
C ALA A 138 -3.99 0.22 -36.59
N ALA A 139 -4.29 1.43 -36.13
CA ALA A 139 -4.52 1.65 -34.71
C ALA A 139 -5.80 0.98 -34.25
N GLN A 140 -6.85 1.00 -35.07
CA GLN A 140 -8.06 0.27 -34.72
C GLN A 140 -7.77 -1.22 -34.60
N ALA A 141 -6.94 -1.75 -35.51
CA ALA A 141 -6.58 -3.16 -35.46
C ALA A 141 -5.78 -3.49 -34.21
N ALA A 142 -4.91 -2.58 -33.79
CA ALA A 142 -4.10 -2.82 -32.60
C ALA A 142 -4.96 -2.95 -31.36
N LEU A 143 -5.96 -2.08 -31.21
CA LEU A 143 -6.84 -2.19 -30.05
C LEU A 143 -7.59 -3.51 -30.06
N GLU A 144 -8.09 -3.92 -31.23
CA GLU A 144 -8.80 -5.20 -31.31
C GLU A 144 -7.91 -6.35 -30.86
N LEU A 145 -6.65 -6.34 -31.29
CA LEU A 145 -5.72 -7.38 -30.85
C LEU A 145 -5.55 -7.35 -29.33
N ALA A 146 -5.42 -6.16 -28.76
CA ALA A 146 -5.25 -6.04 -27.31
C ALA A 146 -6.49 -6.55 -26.58
N LYS A 147 -7.68 -6.24 -27.10
CA LYS A 147 -8.90 -6.79 -26.51
C LYS A 147 -8.92 -8.30 -26.61
N ALA A 148 -8.62 -8.84 -27.80
CA ALA A 148 -8.62 -10.29 -27.96
C ALA A 148 -7.58 -10.94 -27.07
N ALA A 149 -6.37 -10.37 -27.01
CA ALA A 149 -5.34 -10.90 -26.14
C ALA A 149 -5.80 -10.91 -24.69
N ALA A 150 -6.44 -9.83 -24.24
CA ALA A 150 -6.91 -9.76 -22.87
C ALA A 150 -7.89 -10.88 -22.56
N GLU A 151 -8.89 -11.07 -23.43
CA GLU A 151 -9.87 -12.14 -23.22
C GLU A 151 -9.20 -13.49 -23.10
N ALA A 152 -8.19 -13.76 -23.93
CA ALA A 152 -7.45 -15.01 -23.84
C ALA A 152 -6.80 -15.17 -22.48
N VAL A 153 -6.26 -14.07 -21.93
CA VAL A 153 -5.66 -14.12 -20.61
C VAL A 153 -6.71 -14.42 -19.57
N LEU A 154 -7.86 -13.75 -19.66
CA LEU A 154 -8.94 -13.99 -18.69
C LEU A 154 -9.33 -15.47 -18.67
N ILE A 155 -9.58 -16.05 -19.84
CA ILE A 155 -9.98 -17.45 -19.89
C ILE A 155 -8.83 -18.34 -19.42
N ALA A 156 -7.60 -17.99 -19.79
CA ALA A 156 -6.45 -18.80 -19.39
C ALA A 156 -6.25 -18.75 -17.87
N CYS A 157 -6.41 -17.58 -17.27
CA CYS A 157 -6.31 -17.50 -15.81
C CYS A 157 -7.37 -18.36 -15.14
N LEU A 158 -8.59 -18.36 -15.69
CA LEU A 158 -9.66 -19.16 -15.11
C LEU A 158 -9.28 -20.65 -15.09
N LEU A 159 -8.67 -21.13 -16.18
CA LEU A 159 -8.21 -22.53 -16.20
C LEU A 159 -7.06 -22.73 -15.25
N ALA A 160 -6.13 -21.77 -15.21
CA ALA A 160 -5.00 -21.89 -14.30
C ALA A 160 -5.47 -22.03 -12.86
N LEU A 161 -6.50 -21.29 -12.47
CA LEU A 161 -6.98 -21.35 -11.09
C LEU A 161 -7.74 -22.64 -10.83
N ASP A 162 -8.59 -23.06 -11.77
CA ASP A 162 -9.41 -24.26 -11.56
C ASP A 162 -8.56 -25.53 -11.65
N TYR A 163 -7.68 -25.62 -12.65
CA TYR A 163 -6.91 -26.82 -12.92
C TYR A 163 -5.43 -26.45 -13.00
N PRO A 164 -4.85 -26.00 -11.88
CA PRO A 164 -3.43 -25.59 -11.93
C PRO A 164 -2.49 -26.69 -12.38
N LYS A 165 -2.83 -27.95 -12.13
CA LYS A 165 -1.98 -29.07 -12.50
C LYS A 165 -2.13 -29.49 -13.96
N SER A 166 -3.26 -29.17 -14.59
CA SER A 166 -3.51 -29.60 -15.97
C SER A 166 -2.49 -29.00 -16.92
N ASP A 167 -2.16 -29.77 -17.96
CA ASP A 167 -1.29 -29.27 -19.02
C ASP A 167 -2.05 -28.34 -19.97
N ILE A 168 -3.38 -28.49 -20.04
CA ILE A 168 -4.18 -27.53 -20.80
C ILE A 168 -3.98 -26.13 -20.27
N ALA A 169 -4.09 -25.97 -18.95
CA ALA A 169 -3.87 -24.65 -18.34
C ALA A 169 -2.46 -24.15 -18.62
N LYS A 170 -1.48 -25.05 -18.61
CA LYS A 170 -0.11 -24.65 -18.89
C LYS A 170 0.02 -24.10 -20.31
N LYS A 171 -0.61 -24.78 -21.28
CA LYS A 171 -0.48 -24.37 -22.66
C LYS A 171 -1.26 -23.08 -22.92
N CYS A 172 -2.50 -22.99 -22.44
CA CYS A 172 -3.33 -21.82 -22.69
C CYS A 172 -2.78 -20.57 -21.99
N ILE A 173 -2.10 -20.73 -20.85
CA ILE A 173 -1.47 -19.59 -20.20
C ILE A 173 -0.25 -19.13 -20.99
N LYS A 174 0.53 -20.08 -21.53
CA LYS A 174 1.69 -19.71 -22.32
C LYS A 174 1.28 -19.02 -23.62
N ALA A 175 0.24 -19.53 -24.28
CA ALA A 175 -0.24 -18.89 -25.50
C ALA A 175 -0.85 -17.53 -25.20
N ALA A 176 -1.81 -17.48 -24.29
CA ALA A 176 -2.46 -16.22 -23.94
C ALA A 176 -1.42 -15.18 -23.53
N SER A 177 -0.41 -15.60 -22.76
CA SER A 177 0.70 -14.71 -22.44
C SER A 177 1.40 -14.25 -23.71
N GLU A 178 1.60 -15.17 -24.67
CA GLU A 178 2.23 -14.80 -25.93
C GLU A 178 1.42 -13.73 -26.66
N ALA A 179 0.10 -13.89 -26.70
CA ALA A 179 -0.75 -12.92 -27.37
C ALA A 179 -0.64 -11.55 -26.73
N ALA A 180 -0.39 -11.48 -25.43
CA ALA A 180 -0.28 -10.20 -24.74
C ALA A 180 0.98 -9.46 -25.16
N GLU A 181 2.08 -10.19 -25.37
CA GLU A 181 3.30 -9.56 -25.86
C GLU A 181 3.13 -9.06 -27.28
N GLU A 182 2.51 -9.86 -28.14
CA GLU A 182 2.24 -9.42 -29.50
C GLU A 182 1.33 -8.19 -29.50
N ALA A 183 0.30 -8.19 -28.67
CA ALA A 183 -0.59 -7.04 -28.56
C ALA A 183 0.19 -5.78 -28.22
N SER A 184 1.21 -5.90 -27.37
CA SER A 184 2.01 -4.73 -27.04
C SER A 184 2.89 -4.31 -28.22
N LYS A 185 3.44 -5.28 -28.96
CA LYS A 185 4.26 -4.96 -30.11
C LYS A 185 3.42 -4.33 -31.22
N ALA A 186 2.19 -4.81 -31.40
CA ALA A 186 1.30 -4.23 -32.42
C ALA A 186 1.04 -2.75 -32.14
N ALA A 187 0.81 -2.40 -30.88
CA ALA A 187 0.60 -0.99 -30.54
C ALA A 187 1.85 -0.17 -30.82
N GLU A 188 3.03 -0.76 -30.68
CA GLU A 188 4.26 -0.03 -30.95
C GLU A 188 4.40 0.26 -32.44
N GLU A 189 4.25 -0.76 -33.27
CA GLU A 189 4.36 -0.56 -34.72
C GLU A 189 3.28 0.38 -35.23
N ALA A 190 2.05 0.22 -34.74
CA ALA A 190 0.95 1.07 -35.21
C ALA A 190 1.26 2.55 -34.98
N GLN A 191 1.76 2.89 -33.79
CA GLN A 191 2.14 4.27 -33.52
C GLN A 191 3.18 4.76 -34.53
N ARG A 192 4.12 3.89 -34.90
CA ARG A 192 5.15 4.29 -35.87
C ARG A 192 4.57 4.42 -37.27
N HIS A 193 3.67 3.51 -37.66
CA HIS A 193 3.14 3.45 -39.02
C HIS A 193 1.61 3.46 -38.97
N PRO A 194 1.01 4.53 -38.45
CA PRO A 194 -0.46 4.59 -38.39
C PRO A 194 -1.14 4.51 -39.75
N ASP A 195 -0.41 4.72 -40.86
CA ASP A 195 -0.99 4.77 -42.18
C ASP A 195 -0.70 3.53 -43.01
N SER A 196 -0.21 2.45 -42.39
CA SER A 196 0.25 1.27 -43.12
C SER A 196 -0.86 0.23 -43.22
N GLN A 197 -1.25 -0.10 -44.45
CA GLN A 197 -2.22 -1.19 -44.66
C GLN A 197 -1.60 -2.53 -44.31
N LYS A 198 -0.34 -2.74 -44.68
CA LYS A 198 0.33 -3.99 -44.33
C LYS A 198 0.32 -4.20 -42.81
N ALA A 199 0.70 -3.16 -42.06
CA ALA A 199 0.68 -3.26 -40.60
C ALA A 199 -0.72 -3.62 -40.10
N ARG A 200 -1.75 -3.06 -40.74
CA ARG A 200 -3.12 -3.41 -40.39
C ARG A 200 -3.39 -4.88 -40.64
N ASP A 201 -2.92 -5.40 -41.77
CA ASP A 201 -3.18 -6.80 -42.12
C ASP A 201 -2.46 -7.74 -41.18
N GLU A 202 -1.19 -7.46 -40.87
CA GLU A 202 -0.45 -8.31 -39.93
C GLU A 202 -1.14 -8.34 -38.58
N ILE A 203 -1.45 -7.16 -38.03
CA ILE A 203 -2.13 -7.09 -36.74
C ILE A 203 -3.41 -7.91 -36.77
N LYS A 204 -4.19 -7.76 -37.85
CA LYS A 204 -5.44 -8.51 -37.95
C LYS A 204 -5.18 -10.01 -38.04
N GLU A 205 -4.11 -10.40 -38.73
CA GLU A 205 -3.73 -11.81 -38.78
C GLU A 205 -3.38 -12.32 -37.38
N ALA A 206 -2.57 -11.55 -36.64
CA ALA A 206 -2.27 -11.91 -35.26
C ALA A 206 -3.53 -11.88 -34.40
N SER A 207 -4.49 -11.01 -34.72
CA SER A 207 -5.72 -10.94 -33.94
C SER A 207 -6.55 -12.20 -34.09
N GLN A 208 -6.56 -12.81 -35.28
CA GLN A 208 -7.34 -14.03 -35.47
C GLN A 208 -6.74 -15.18 -34.67
N LYS A 209 -5.42 -15.29 -34.67
CA LYS A 209 -4.76 -16.33 -33.88
C LYS A 209 -5.11 -16.20 -32.41
N ALA A 210 -5.04 -14.98 -31.86
CA ALA A 210 -5.38 -14.77 -30.46
C ALA A 210 -6.84 -15.11 -30.19
N GLU A 211 -7.72 -14.84 -31.16
CA GLU A 211 -9.13 -15.17 -30.99
C GLU A 211 -9.34 -16.68 -30.97
N GLU A 212 -8.54 -17.42 -31.76
CA GLU A 212 -8.67 -18.87 -31.78
C GLU A 212 -8.20 -19.46 -30.45
N VAL A 213 -7.10 -18.93 -29.91
CA VAL A 213 -6.66 -19.33 -28.58
C VAL A 213 -7.79 -19.19 -27.58
N LYS A 214 -8.43 -18.01 -27.55
CA LYS A 214 -9.52 -17.78 -26.62
C LYS A 214 -10.61 -18.82 -26.79
N GLU A 215 -11.02 -19.09 -28.03
CA GLU A 215 -12.09 -20.05 -28.28
C GLU A 215 -11.69 -21.46 -27.88
N ARG A 216 -10.46 -21.87 -28.19
CA ARG A 216 -9.99 -23.22 -27.84
C ARG A 216 -9.97 -23.40 -26.32
N CYS A 217 -9.45 -22.39 -25.60
CA CYS A 217 -9.37 -22.46 -24.15
C CYS A 217 -10.75 -22.43 -23.51
N GLU A 218 -11.66 -21.63 -24.07
CA GLU A 218 -13.00 -21.55 -23.50
C GLU A 218 -13.72 -22.89 -23.58
N ARG A 219 -13.52 -23.64 -24.67
CA ARG A 219 -14.17 -24.93 -24.82
C ARG A 219 -13.66 -25.93 -23.78
N ALA A 220 -12.43 -25.74 -23.28
CA ALA A 220 -11.85 -26.69 -22.35
C ALA A 220 -12.47 -26.57 -20.96
N GLN A 221 -12.95 -25.40 -20.57
CA GLN A 221 -13.42 -25.21 -19.21
C GLN A 221 -14.73 -25.95 -18.98
N GLU A 222 -14.89 -26.48 -17.77
CA GLU A 222 -16.11 -27.16 -17.36
C GLU A 222 -16.94 -26.22 -16.50
N HIS A 223 -18.21 -26.08 -16.87
CA HIS A 223 -19.14 -25.22 -16.14
C HIS A 223 -20.06 -26.07 -15.28
N PRO A 224 -20.77 -25.47 -14.32
CA PRO A 224 -21.60 -26.27 -13.42
C PRO A 224 -22.92 -26.63 -14.07
N ASN A 225 -23.32 -27.90 -13.95
CA ASN A 225 -24.60 -28.35 -14.49
C ASN A 225 -25.72 -27.88 -13.58
N ALA A 226 -25.76 -26.58 -13.29
CA ALA A 226 -26.77 -25.99 -12.41
C ALA A 226 -27.43 -24.84 -13.17
N GLY A 227 -28.62 -25.10 -13.70
CA GLY A 227 -29.32 -24.08 -14.45
C GLY A 227 -29.75 -22.92 -13.57
N TRP A 228 -30.07 -21.80 -14.22
CA TRP A 228 -30.51 -20.62 -13.50
C TRP A 228 -31.73 -20.92 -12.65
N LEU A 229 -32.63 -21.77 -13.15
CA LEU A 229 -33.87 -22.04 -12.44
C LEU A 229 -33.65 -22.83 -11.16
N GLU A 230 -32.66 -23.73 -11.15
CA GLU A 230 -32.43 -24.57 -9.97
C GLU A 230 -31.90 -23.75 -8.80
N HIS A 231 -30.96 -22.86 -9.07
CA HIS A 231 -30.39 -22.00 -8.03
C HIS A 231 -31.18 -20.71 -7.91
N ASN B 7 9.53 -9.67 2.89
CA ASN B 7 10.53 -9.19 1.93
C ASN B 7 9.98 -9.25 0.51
N GLU B 8 9.30 -10.35 0.19
CA GLU B 8 8.73 -10.51 -1.15
C GLU B 8 7.61 -9.50 -1.40
N ARG B 9 6.61 -9.47 -0.51
CA ARG B 9 5.49 -8.55 -0.70
C ARG B 9 5.93 -7.09 -0.57
N VAL B 10 6.83 -6.80 0.39
CA VAL B 10 7.30 -5.43 0.58
C VAL B 10 7.87 -4.88 -0.72
N LYS B 11 8.88 -5.56 -1.27
CA LYS B 11 9.48 -5.11 -2.52
C LYS B 11 8.43 -4.94 -3.61
N GLN B 12 7.42 -5.81 -3.62
CA GLN B 12 6.31 -5.68 -4.57
C GLN B 12 5.47 -4.44 -4.26
N LEU B 13 5.07 -4.28 -3.00
CA LEU B 13 4.26 -3.13 -2.63
C LEU B 13 5.05 -1.83 -2.76
N ALA B 14 6.35 -1.87 -2.48
CA ALA B 14 7.17 -0.67 -2.59
C ALA B 14 7.36 -0.26 -4.05
N GLU B 15 7.84 -1.18 -4.88
CA GLU B 15 8.01 -0.88 -6.30
C GLU B 15 6.70 -0.42 -6.92
N LYS B 16 5.59 -1.06 -6.56
CA LYS B 16 4.29 -0.64 -7.07
C LYS B 16 4.01 0.81 -6.70
N ALA B 17 4.36 1.22 -5.47
CA ALA B 17 4.22 2.61 -5.08
C ALA B 17 5.09 3.55 -5.92
N LYS B 18 6.15 3.02 -6.53
CA LYS B 18 6.98 3.85 -7.40
C LYS B 18 6.24 4.27 -8.66
N GLU B 19 5.45 3.35 -9.23
CA GLU B 19 4.63 3.70 -10.39
C GLU B 19 3.76 4.92 -10.08
N ALA B 20 2.84 4.77 -9.12
CA ALA B 20 2.08 5.89 -8.57
C ALA B 20 1.32 6.64 -9.69
N THR B 21 0.26 5.99 -10.15
CA THR B 21 -0.65 6.65 -11.08
C THR B 21 -1.63 7.56 -10.36
N ASP B 22 -2.18 7.09 -9.23
CA ASP B 22 -3.13 7.86 -8.44
C ASP B 22 -2.63 8.00 -7.01
N LYS B 23 -2.96 9.13 -6.39
CA LYS B 23 -2.56 9.35 -5.01
C LYS B 23 -3.38 8.49 -4.05
N GLU B 24 -4.67 8.30 -4.34
CA GLU B 24 -5.50 7.47 -3.48
C GLU B 24 -5.00 6.04 -3.43
N GLU B 25 -4.50 5.52 -4.55
CA GLU B 25 -3.98 4.15 -4.57
C GLU B 25 -2.73 4.04 -3.68
N VAL B 26 -1.81 4.99 -3.80
CA VAL B 26 -0.61 4.98 -2.98
C VAL B 26 -0.98 5.01 -1.50
N ILE B 27 -1.99 5.80 -1.14
CA ILE B 27 -2.42 5.85 0.26
C ILE B 27 -2.82 4.47 0.74
N GLU B 28 -3.46 3.68 -0.12
CA GLU B 28 -3.85 2.33 0.27
C GLU B 28 -2.63 1.46 0.53
N ILE B 29 -1.60 1.60 -0.32
CA ILE B 29 -0.38 0.81 -0.13
C ILE B 29 0.25 1.11 1.22
N VAL B 30 0.53 2.38 1.49
CA VAL B 30 1.23 2.75 2.72
C VAL B 30 0.43 2.29 3.93
N LYS B 31 -0.90 2.48 3.90
CA LYS B 31 -1.72 2.01 5.01
C LYS B 31 -1.60 0.51 5.18
N GLU B 32 -1.55 -0.23 4.06
CA GLU B 32 -1.37 -1.67 4.13
C GLU B 32 0.00 -2.02 4.69
N LEU B 33 1.05 -1.34 4.20
CA LEU B 33 2.39 -1.61 4.71
C LEU B 33 2.48 -1.35 6.21
N ALA B 34 1.83 -0.28 6.69
CA ALA B 34 1.81 0.00 8.12
C ALA B 34 1.17 -1.16 8.89
N GLU B 35 0.05 -1.69 8.37
CA GLU B 35 -0.60 -2.82 9.02
C GLU B 35 0.34 -4.01 9.11
N LEU B 36 1.09 -4.28 8.04
CA LEU B 36 2.03 -5.39 8.04
C LEU B 36 3.04 -5.25 9.18
N ALA B 37 3.71 -4.09 9.25
CA ALA B 37 4.73 -3.89 10.28
C ALA B 37 4.12 -3.94 11.68
N LYS B 38 2.91 -3.38 11.83
CA LYS B 38 2.26 -3.39 13.14
C LYS B 38 2.03 -4.80 13.64
N GLN B 39 1.34 -5.62 12.85
CA GLN B 39 1.03 -6.98 13.25
C GLN B 39 2.22 -7.92 13.12
N SER B 40 3.26 -7.54 12.38
CA SER B 40 4.39 -8.42 12.16
C SER B 40 5.17 -8.64 13.45
N THR B 41 5.75 -9.85 13.57
CA THR B 41 6.64 -10.20 14.66
C THR B 41 8.04 -10.51 14.16
N ASP B 42 8.36 -10.10 12.93
CA ASP B 42 9.69 -10.28 12.35
C ASP B 42 10.40 -8.94 12.31
N PRO B 43 11.21 -8.60 13.33
CA PRO B 43 11.86 -7.28 13.34
C PRO B 43 12.61 -6.96 12.06
N ASN B 44 13.20 -7.96 11.40
CA ASN B 44 13.90 -7.69 10.14
C ASN B 44 12.94 -7.20 9.08
N LEU B 45 11.75 -7.80 8.99
CA LEU B 45 10.78 -7.36 8.00
C LEU B 45 10.24 -5.97 8.33
N VAL B 46 10.00 -5.70 9.62
CA VAL B 46 9.55 -4.37 10.04
C VAL B 46 10.51 -3.30 9.54
N ALA B 47 11.81 -3.51 9.75
CA ALA B 47 12.81 -2.56 9.27
C ALA B 47 12.69 -2.35 7.76
N GLU B 48 12.35 -3.42 7.03
CA GLU B 48 12.17 -3.29 5.58
C GLU B 48 11.01 -2.37 5.25
N VAL B 49 9.90 -2.48 6.01
CA VAL B 49 8.76 -1.60 5.80
C VAL B 49 9.16 -0.14 6.08
N VAL B 50 9.73 0.11 7.25
CA VAL B 50 10.16 1.46 7.59
C VAL B 50 11.00 2.06 6.47
N ARG B 51 11.99 1.30 5.99
CA ARG B 51 12.81 1.76 4.89
C ARG B 51 12.00 1.89 3.60
N ALA B 52 10.95 1.07 3.46
CA ALA B 52 10.09 1.15 2.28
C ALA B 52 9.29 2.45 2.28
N LEU B 53 8.61 2.76 3.39
CA LEU B 53 7.83 3.98 3.46
C LEU B 53 8.71 5.21 3.32
N THR B 54 9.96 5.12 3.77
CA THR B 54 10.89 6.24 3.61
C THR B 54 11.17 6.49 2.13
N GLU B 55 11.53 5.44 1.39
CA GLU B 55 11.87 5.60 -0.02
C GLU B 55 10.73 6.26 -0.79
N VAL B 56 9.50 5.82 -0.55
CA VAL B 56 8.34 6.45 -1.20
C VAL B 56 8.33 7.94 -0.95
N ALA B 57 8.39 8.34 0.32
CA ALA B 57 8.31 9.75 0.68
C ALA B 57 9.47 10.54 0.05
N LYS B 58 10.68 10.00 0.11
CA LYS B 58 11.83 10.71 -0.44
C LYS B 58 11.68 10.90 -1.95
N THR B 59 11.08 9.91 -2.63
CA THR B 59 10.92 9.99 -4.08
C THR B 59 9.65 10.74 -4.47
N SER B 60 8.64 10.77 -3.60
CA SER B 60 7.38 11.39 -3.93
C SER B 60 7.55 12.90 -4.12
N THR B 61 6.56 13.51 -4.77
CA THR B 61 6.52 14.96 -4.99
C THR B 61 5.25 15.61 -4.45
N ASP B 62 4.33 14.84 -3.88
CA ASP B 62 3.11 15.38 -3.29
C ASP B 62 3.37 15.62 -1.80
N THR B 63 3.45 16.90 -1.41
CA THR B 63 3.70 17.23 -0.02
C THR B 63 2.60 16.69 0.88
N GLU B 64 1.37 16.66 0.39
CA GLU B 64 0.28 16.07 1.16
C GLU B 64 0.51 14.58 1.36
N LEU B 65 1.11 13.90 0.38
CA LEU B 65 1.42 12.50 0.53
C LEU B 65 2.53 12.28 1.55
N ILE B 66 3.65 13.00 1.38
CA ILE B 66 4.74 12.93 2.35
C ILE B 66 4.20 13.17 3.76
N ARG B 67 3.43 14.23 3.93
CA ARG B 67 2.84 14.54 5.22
C ARG B 67 2.10 13.33 5.79
N GLU B 68 1.30 12.67 4.96
CA GLU B 68 0.54 11.51 5.42
C GLU B 68 1.46 10.35 5.78
N ILE B 69 2.51 10.12 4.99
CA ILE B 69 3.44 9.05 5.30
C ILE B 69 4.09 9.29 6.66
N ILE B 70 4.52 10.53 6.91
CA ILE B 70 5.10 10.86 8.21
C ILE B 70 4.11 10.53 9.32
N LYS B 71 2.85 10.94 9.15
CA LYS B 71 1.84 10.63 10.16
C LYS B 71 1.74 9.13 10.42
N VAL B 72 1.84 8.33 9.35
CA VAL B 72 1.81 6.87 9.51
C VAL B 72 2.96 6.40 10.38
N LEU B 73 4.13 7.02 10.24
CA LEU B 73 5.29 6.59 11.00
C LEU B 73 5.18 6.99 12.47
N LEU B 74 4.63 8.17 12.74
CA LEU B 74 4.45 8.60 14.12
C LEU B 74 3.59 7.60 14.90
N GLU B 75 2.41 7.27 14.36
CA GLU B 75 1.56 6.29 15.02
C GLU B 75 2.27 4.95 15.14
N LEU B 76 2.91 4.50 14.05
CA LEU B 76 3.64 3.24 14.09
C LEU B 76 4.69 3.25 15.20
N ALA B 77 5.46 4.33 15.30
CA ALA B 77 6.46 4.44 16.35
C ALA B 77 5.82 4.41 17.73
N SER B 78 4.56 4.83 17.85
CA SER B 78 3.90 4.81 19.14
C SER B 78 3.54 3.39 19.57
N LYS B 79 3.16 2.55 18.61
CA LYS B 79 2.64 1.22 18.91
C LYS B 79 3.68 0.12 18.81
N LEU B 80 4.80 0.36 18.10
CA LEU B 80 5.79 -0.69 17.92
C LEU B 80 6.29 -1.21 19.26
N ARG B 81 6.50 -2.53 19.33
CA ARG B 81 6.96 -3.16 20.56
C ARG B 81 8.46 -3.39 20.60
N ASP B 82 9.15 -3.30 19.46
CA ASP B 82 10.57 -3.60 19.39
C ASP B 82 11.39 -2.31 19.45
N PRO B 83 12.23 -2.10 20.48
CA PRO B 83 12.98 -0.83 20.56
C PRO B 83 13.77 -0.44 19.31
N GLN B 84 14.56 -1.36 18.75
CA GLN B 84 15.36 -1.02 17.57
C GLN B 84 14.49 -0.65 16.38
N ALA B 85 13.30 -1.22 16.29
CA ALA B 85 12.35 -0.83 15.25
C ALA B 85 11.81 0.57 15.52
N VAL B 86 11.59 0.91 16.79
CA VAL B 86 11.10 2.24 17.15
C VAL B 86 12.12 3.29 16.76
N LEU B 87 13.39 3.07 17.13
CA LEU B 87 14.43 4.02 16.77
C LEU B 87 14.52 4.20 15.26
N GLU B 88 14.49 3.08 14.51
CA GLU B 88 14.45 3.16 13.05
C GLU B 88 13.30 4.01 12.57
N ALA B 89 12.10 3.82 13.15
CA ALA B 89 10.96 4.65 12.79
C ALA B 89 11.21 6.12 13.12
N LEU B 90 11.79 6.39 14.29
CA LEU B 90 12.04 7.78 14.70
C LEU B 90 13.07 8.45 13.80
N GLN B 91 14.09 7.69 13.39
CA GLN B 91 15.06 8.25 12.44
C GLN B 91 14.40 8.60 11.12
N ALA B 92 13.57 7.70 10.60
CA ALA B 92 12.87 7.95 9.34
C ALA B 92 12.02 9.21 9.45
N VAL B 93 11.30 9.37 10.55
CA VAL B 93 10.47 10.56 10.75
C VAL B 93 11.33 11.81 10.65
N ALA B 94 12.46 11.83 11.36
CA ALA B 94 13.34 13.00 11.31
C ALA B 94 13.71 13.32 9.87
N GLU B 95 14.15 12.31 9.11
CA GLU B 95 14.56 12.54 7.73
C GLU B 95 13.42 13.15 6.92
N LEU B 96 12.25 12.52 6.98
CA LEU B 96 11.11 13.01 6.18
C LEU B 96 10.70 14.39 6.62
N ALA B 97 10.54 14.60 7.92
CA ALA B 97 10.21 15.93 8.41
C ALA B 97 11.19 16.97 7.89
N ARG B 98 12.48 16.66 7.93
CA ARG B 98 13.48 17.56 7.35
C ARG B 98 13.17 17.78 5.86
N GLU B 99 13.11 16.71 5.09
CA GLU B 99 12.84 16.83 3.65
C GLU B 99 11.55 17.60 3.39
N LEU B 100 10.53 17.37 4.21
CA LEU B 100 9.28 18.12 4.06
C LEU B 100 9.47 19.59 4.35
N ALA B 101 10.12 19.90 5.49
CA ALA B 101 10.37 21.30 5.83
C ALA B 101 11.07 22.01 4.68
N GLU B 102 12.16 21.42 4.17
CA GLU B 102 12.89 22.02 3.06
C GLU B 102 11.98 22.19 1.84
N LYS B 103 11.15 21.19 1.56
CA LYS B 103 10.28 21.24 0.39
C LYS B 103 9.23 22.34 0.54
N THR B 104 8.39 22.23 1.56
CA THR B 104 7.26 23.14 1.72
C THR B 104 7.65 24.46 2.39
N GLY B 105 8.88 24.58 2.89
CA GLY B 105 9.29 25.79 3.58
C GLY B 105 8.54 26.05 4.86
N ASP B 106 8.19 24.98 5.60
CA ASP B 106 7.46 25.11 6.85
C ASP B 106 8.45 25.05 8.00
N PRO B 107 8.51 26.06 8.88
CA PRO B 107 9.48 25.98 9.99
C PRO B 107 9.10 24.96 11.04
N ILE B 108 7.81 24.76 11.32
CA ILE B 108 7.44 23.82 12.37
C ILE B 108 7.85 22.41 12.00
N ALA B 109 7.79 22.08 10.70
CA ALA B 109 8.28 20.78 10.26
C ALA B 109 9.75 20.59 10.63
N LYS B 110 10.54 21.65 10.52
CA LYS B 110 11.93 21.59 10.98
C LYS B 110 11.98 21.37 12.49
N GLU B 111 11.08 22.02 13.23
CA GLU B 111 11.05 21.88 14.69
C GLU B 111 10.74 20.44 15.10
N CYS B 112 9.67 19.88 14.53
CA CYS B 112 9.34 18.49 14.83
C CYS B 112 10.53 17.58 14.53
N ALA B 113 11.19 17.80 13.39
CA ALA B 113 12.38 17.02 13.06
C ALA B 113 13.44 17.14 14.14
N GLU B 114 13.70 18.37 14.59
CA GLU B 114 14.69 18.59 15.64
C GLU B 114 14.30 17.85 16.92
N ALA B 115 13.05 18.01 17.35
CA ALA B 115 12.60 17.36 18.57
C ALA B 115 12.71 15.85 18.46
N VAL B 116 12.24 15.28 17.34
CA VAL B 116 12.31 13.84 17.14
C VAL B 116 13.77 13.38 17.17
N SER B 117 14.67 14.16 16.57
CA SER B 117 16.09 13.82 16.61
C SER B 117 16.60 13.76 18.04
N ALA B 118 16.29 14.77 18.85
CA ALA B 118 16.78 14.77 20.22
C ALA B 118 16.16 13.63 21.03
N ALA B 119 14.85 13.42 20.89
CA ALA B 119 14.19 12.36 21.64
C ALA B 119 14.76 10.99 21.29
N ALA B 120 14.97 10.74 19.98
CA ALA B 120 15.58 9.48 19.58
C ALA B 120 16.95 9.31 20.21
N GLU B 121 17.75 10.38 20.24
CA GLU B 121 19.07 10.28 20.85
C GLU B 121 18.96 9.99 22.35
N ALA B 122 17.94 10.55 23.00
CA ALA B 122 17.81 10.39 24.44
C ALA B 122 17.40 8.97 24.82
N VAL B 123 16.42 8.40 24.12
CA VAL B 123 16.01 7.03 24.41
C VAL B 123 17.15 6.07 24.09
N LYS B 124 17.85 6.30 22.98
CA LYS B 124 19.00 5.46 22.65
C LYS B 124 20.08 5.56 23.70
N LYS B 125 20.25 6.73 24.32
CA LYS B 125 21.24 6.89 25.38
C LYS B 125 20.82 6.15 26.64
N ALA B 126 19.58 6.36 27.09
CA ALA B 126 19.11 5.72 28.30
C ALA B 126 19.02 4.21 28.14
N ALA B 127 18.54 3.75 26.99
CA ALA B 127 18.42 2.31 26.76
C ALA B 127 19.77 1.61 26.93
N ASP B 128 20.80 2.13 26.26
CA ASP B 128 22.13 1.52 26.38
C ASP B 128 22.61 1.56 27.82
N LEU B 129 22.36 2.67 28.54
CA LEU B 129 22.82 2.78 29.93
C LEU B 129 22.17 1.72 30.80
N LEU B 130 20.86 1.52 30.65
CA LEU B 130 20.18 0.51 31.46
C LEU B 130 20.74 -0.88 31.21
N LYS B 131 21.04 -1.20 29.94
CA LYS B 131 21.67 -2.48 29.64
C LYS B 131 23.01 -2.62 30.34
N ARG B 132 23.74 -1.51 30.49
CA ARG B 132 25.02 -1.54 31.19
C ARG B 132 24.85 -1.69 32.69
N HIS B 133 23.77 -1.14 33.26
CA HIS B 133 23.52 -1.18 34.71
C HIS B 133 22.08 -1.61 34.96
N PRO B 134 21.76 -2.88 34.70
CA PRO B 134 20.35 -3.31 34.84
C PRO B 134 19.70 -2.94 36.16
N GLY B 135 20.48 -2.90 37.26
CA GLY B 135 19.88 -2.70 38.57
C GLY B 135 19.59 -1.26 38.92
N SER B 136 20.34 -0.32 38.35
CA SER B 136 20.22 1.09 38.73
C SER B 136 18.81 1.61 38.54
N GLU B 137 18.15 1.97 39.65
CA GLU B 137 16.83 2.59 39.54
C GLU B 137 16.92 3.99 38.92
N ALA B 138 18.08 4.63 39.00
CA ALA B 138 18.28 5.90 38.33
C ALA B 138 18.30 5.71 36.81
N ALA B 139 18.95 4.64 36.36
CA ALA B 139 18.93 4.32 34.93
C ALA B 139 17.53 4.00 34.46
N GLN B 140 16.78 3.22 35.25
CA GLN B 140 15.39 2.93 34.91
C GLN B 140 14.59 4.22 34.76
N ALA B 141 14.62 5.08 35.78
CA ALA B 141 13.89 6.33 35.72
C ALA B 141 14.29 7.15 34.50
N ALA B 142 15.58 7.14 34.16
CA ALA B 142 16.06 7.89 32.99
C ALA B 142 15.39 7.39 31.72
N LEU B 143 15.44 6.08 31.49
CA LEU B 143 14.78 5.51 30.31
C LEU B 143 13.29 5.82 30.33
N GLU B 144 12.68 5.79 31.52
CA GLU B 144 11.26 6.10 31.61
C GLU B 144 10.99 7.54 31.18
N LEU B 145 11.85 8.49 31.56
CA LEU B 145 11.68 9.87 31.14
C LEU B 145 11.85 10.02 29.64
N ALA B 146 12.94 9.48 29.09
CA ALA B 146 13.18 9.55 27.66
C ALA B 146 11.99 9.00 26.87
N LYS B 147 11.41 7.90 27.36
CA LYS B 147 10.21 7.37 26.72
C LYS B 147 9.05 8.35 26.80
N ALA B 148 8.85 8.97 27.96
CA ALA B 148 7.77 9.95 28.10
C ALA B 148 7.99 11.14 27.19
N ALA B 149 9.23 11.60 27.06
CA ALA B 149 9.51 12.72 26.18
C ALA B 149 9.21 12.37 24.73
N ALA B 150 9.65 11.19 24.30
CA ALA B 150 9.40 10.77 22.93
C ALA B 150 7.90 10.76 22.63
N GLU B 151 7.10 10.20 23.54
CA GLU B 151 5.66 10.19 23.33
C GLU B 151 5.11 11.61 23.21
N ALA B 152 5.58 12.53 24.06
CA ALA B 152 5.15 13.92 23.97
C ALA B 152 5.48 14.51 22.60
N VAL B 153 6.70 14.23 22.11
CA VAL B 153 7.09 14.71 20.79
C VAL B 153 6.15 14.15 19.73
N LEU B 154 5.80 12.86 19.82
CA LEU B 154 4.95 12.25 18.81
C LEU B 154 3.65 13.03 18.65
N ILE B 155 2.96 13.28 19.76
CA ILE B 155 1.69 14.01 19.68
C ILE B 155 1.95 15.44 19.23
N ALA B 156 2.94 16.10 19.83
CA ALA B 156 3.30 17.45 19.42
C ALA B 156 3.60 17.50 17.93
N CYS B 157 4.40 16.54 17.45
CA CYS B 157 4.67 16.45 16.02
C CYS B 157 3.38 16.29 15.24
N LEU B 158 2.48 15.42 15.71
CA LEU B 158 1.22 15.23 15.01
C LEU B 158 0.46 16.54 14.88
N LEU B 159 0.41 17.32 15.96
CA LEU B 159 -0.31 18.59 15.92
C LEU B 159 0.35 19.59 14.97
N ALA B 160 1.67 19.50 14.80
CA ALA B 160 2.36 20.43 13.90
C ALA B 160 1.98 20.17 12.45
N LEU B 161 1.82 18.90 12.07
CA LEU B 161 1.48 18.57 10.68
C LEU B 161 0.02 18.90 10.37
N ASP B 162 -0.88 18.55 11.28
CA ASP B 162 -2.30 18.83 11.05
C ASP B 162 -2.60 20.32 11.12
N TYR B 163 -2.03 21.01 12.11
CA TYR B 163 -2.33 22.42 12.38
C TYR B 163 -1.04 23.16 12.64
N PRO B 164 -0.20 23.32 11.61
CA PRO B 164 1.06 24.06 11.82
C PRO B 164 0.86 25.49 12.32
N LYS B 165 -0.16 26.18 11.80
CA LYS B 165 -0.44 27.55 12.23
C LYS B 165 -1.44 27.53 13.38
N SER B 166 -0.97 27.02 14.52
CA SER B 166 -1.79 26.89 15.71
C SER B 166 -0.95 27.25 16.94
N ASP B 167 -1.51 28.11 17.79
CA ASP B 167 -0.83 28.43 19.05
C ASP B 167 -0.63 27.18 19.88
N ILE B 168 -1.61 26.27 19.86
CA ILE B 168 -1.46 25.00 20.55
C ILE B 168 -0.25 24.25 20.02
N ALA B 169 -0.26 23.94 18.72
CA ALA B 169 0.83 23.17 18.13
C ALA B 169 2.19 23.78 18.43
N LYS B 170 2.30 25.11 18.33
CA LYS B 170 3.55 25.77 18.68
C LYS B 170 3.88 25.56 20.16
N LYS B 171 2.88 25.68 21.03
CA LYS B 171 3.11 25.43 22.45
C LYS B 171 3.53 23.98 22.67
N CYS B 172 2.74 23.03 22.18
CA CYS B 172 3.06 21.62 22.40
C CYS B 172 4.44 21.26 21.86
N ILE B 173 4.77 21.78 20.66
CA ILE B 173 6.09 21.48 20.09
C ILE B 173 7.21 22.00 21.00
N LYS B 174 7.05 23.21 21.53
CA LYS B 174 8.11 23.77 22.38
C LYS B 174 8.27 22.97 23.65
N ALA B 175 7.16 22.61 24.29
CA ALA B 175 7.24 21.85 25.53
C ALA B 175 7.91 20.50 25.32
N ALA B 176 7.39 19.72 24.37
CA ALA B 176 7.97 18.40 24.10
C ALA B 176 9.45 18.52 23.74
N SER B 177 9.82 19.56 23.00
CA SER B 177 11.22 19.78 22.68
C SER B 177 12.04 19.97 23.95
N GLU B 178 11.43 20.58 24.97
CA GLU B 178 12.13 20.79 26.24
C GLU B 178 12.28 19.48 27.01
N ALA B 179 11.21 18.71 27.11
CA ALA B 179 11.28 17.41 27.78
C ALA B 179 12.33 16.52 27.12
N ALA B 180 12.38 16.49 25.80
CA ALA B 180 13.40 15.71 25.11
C ALA B 180 14.79 16.17 25.50
N GLU B 181 15.01 17.49 25.56
CA GLU B 181 16.28 18.01 26.04
C GLU B 181 16.55 17.53 27.47
N GLU B 182 15.52 17.52 28.31
CA GLU B 182 15.67 17.03 29.67
C GLU B 182 16.07 15.56 29.69
N ALA B 183 15.40 14.75 28.86
CA ALA B 183 15.72 13.32 28.79
C ALA B 183 17.19 13.11 28.47
N SER B 184 17.74 13.92 27.56
CA SER B 184 19.17 13.83 27.29
C SER B 184 19.99 14.24 28.51
N LYS B 185 19.55 15.28 29.21
CA LYS B 185 20.25 15.68 30.43
C LYS B 185 20.11 14.62 31.51
N ALA B 186 18.88 14.13 31.72
CA ALA B 186 18.66 13.07 32.70
C ALA B 186 19.48 11.83 32.34
N ALA B 187 19.55 11.49 31.06
CA ALA B 187 20.35 10.34 30.64
C ALA B 187 21.81 10.55 30.99
N GLU B 188 22.30 11.79 30.84
CA GLU B 188 23.68 12.08 31.19
C GLU B 188 23.90 11.96 32.69
N GLU B 189 22.99 12.53 33.49
CA GLU B 189 23.15 12.51 34.94
C GLU B 189 23.11 11.09 35.48
N ALA B 190 22.18 10.27 34.96
CA ALA B 190 22.10 8.87 35.40
C ALA B 190 23.40 8.14 35.12
N GLN B 191 24.05 8.42 33.99
CA GLN B 191 25.34 7.81 33.71
C GLN B 191 26.38 8.24 34.72
N ARG B 192 26.31 9.49 35.19
CA ARG B 192 27.27 9.99 36.17
C ARG B 192 26.93 9.49 37.57
N HIS B 193 25.64 9.47 37.92
CA HIS B 193 25.18 9.10 39.26
C HIS B 193 24.26 7.89 39.17
N PRO B 194 24.78 6.73 38.76
CA PRO B 194 23.93 5.53 38.65
C PRO B 194 23.37 5.05 39.99
N ASP B 195 23.96 5.42 41.12
CA ASP B 195 23.57 4.91 42.42
C ASP B 195 22.88 5.96 43.28
N SER B 196 22.49 7.10 42.69
CA SER B 196 21.99 8.24 43.46
C SER B 196 20.48 8.17 43.59
N GLN B 197 20.00 8.14 44.84
CA GLN B 197 18.56 8.28 45.06
C GLN B 197 18.09 9.67 44.64
N LYS B 198 18.90 10.70 44.89
CA LYS B 198 18.52 12.05 44.49
C LYS B 198 18.30 12.13 42.99
N ALA B 199 19.27 11.63 42.21
CA ALA B 199 19.15 11.65 40.76
C ALA B 199 17.87 10.94 40.31
N ARG B 200 17.60 9.76 40.86
CA ARG B 200 16.40 9.01 40.51
C ARG B 200 15.13 9.83 40.76
N ASP B 201 15.03 10.45 41.94
CA ASP B 201 13.84 11.22 42.27
C ASP B 201 13.70 12.44 41.36
N GLU B 202 14.82 13.06 40.99
CA GLU B 202 14.77 14.19 40.05
C GLU B 202 14.21 13.75 38.72
N ILE B 203 14.73 12.65 38.17
CA ILE B 203 14.26 12.16 36.88
C ILE B 203 12.79 11.82 36.95
N LYS B 204 12.37 11.14 38.02
CA LYS B 204 10.96 10.79 38.17
C LYS B 204 10.08 12.03 38.12
N GLU B 205 10.49 13.10 38.82
CA GLU B 205 9.72 14.34 38.79
C GLU B 205 9.62 14.88 37.37
N ALA B 206 10.76 14.91 36.66
CA ALA B 206 10.75 15.35 35.27
C ALA B 206 9.86 14.45 34.42
N SER B 207 9.94 13.14 34.65
CA SER B 207 9.11 12.22 33.87
C SER B 207 7.63 12.47 34.11
N GLN B 208 7.27 13.04 35.26
CA GLN B 208 5.88 13.39 35.51
C GLN B 208 5.45 14.59 34.67
N LYS B 209 6.32 15.60 34.56
CA LYS B 209 5.98 16.77 33.77
C LYS B 209 5.85 16.42 32.29
N ALA B 210 6.75 15.58 31.78
CA ALA B 210 6.67 15.17 30.38
C ALA B 210 5.35 14.47 30.09
N GLU B 211 4.90 13.60 31.01
CA GLU B 211 3.60 12.96 30.84
C GLU B 211 2.47 13.98 30.91
N GLU B 212 2.64 15.04 31.70
CA GLU B 212 1.67 16.12 31.72
C GLU B 212 1.59 16.81 30.36
N VAL B 213 2.75 17.10 29.76
CA VAL B 213 2.78 17.71 28.45
C VAL B 213 2.03 16.85 27.44
N LYS B 214 2.43 15.59 27.33
CA LYS B 214 1.77 14.67 26.40
C LYS B 214 0.27 14.62 26.65
N GLU B 215 -0.12 14.32 27.88
CA GLU B 215 -1.54 14.19 28.20
C GLU B 215 -2.30 15.44 27.79
N ARG B 216 -1.80 16.62 28.21
CA ARG B 216 -2.46 17.86 27.83
C ARG B 216 -2.43 18.06 26.32
N CYS B 217 -1.31 17.70 25.67
CA CYS B 217 -1.20 17.84 24.23
C CYS B 217 -2.05 16.82 23.50
N GLU B 218 -2.26 15.65 24.07
CA GLU B 218 -3.17 14.67 23.49
C GLU B 218 -4.61 15.17 23.54
N ARG B 219 -5.01 15.77 24.67
CA ARG B 219 -6.38 16.27 24.83
C ARG B 219 -6.65 17.52 24.01
N ALA B 220 -5.61 18.23 23.56
CA ALA B 220 -5.82 19.47 22.82
C ALA B 220 -6.62 19.22 21.55
N GLN B 221 -6.36 18.10 20.87
CA GLN B 221 -7.07 17.79 19.63
C GLN B 221 -8.56 17.75 19.87
N GLU B 222 -9.00 17.00 20.87
CA GLU B 222 -10.43 16.89 21.19
C GLU B 222 -10.72 17.43 22.58
N ALA B 226 -15.03 23.38 24.60
CA ALA B 226 -15.74 22.70 25.67
C ALA B 226 -16.80 23.61 26.28
N GLY B 227 -16.38 24.82 26.69
CA GLY B 227 -17.32 25.79 27.21
C GLY B 227 -18.30 26.25 26.14
N TRP B 228 -19.46 26.72 26.60
CA TRP B 228 -20.51 27.12 25.68
C TRP B 228 -20.04 28.26 24.77
N LEU B 229 -19.41 29.28 25.35
CA LEU B 229 -18.99 30.44 24.56
C LEU B 229 -18.03 30.06 23.45
N GLU B 230 -17.24 29.01 23.64
CA GLU B 230 -16.26 28.56 22.66
C GLU B 230 -16.88 27.77 21.51
N HIS B 231 -18.21 27.64 21.47
CA HIS B 231 -18.85 26.73 20.51
C HIS B 231 -18.55 27.14 19.08
N HIS B 232 -18.75 28.42 18.76
CA HIS B 232 -18.58 28.93 17.40
C HIS B 232 -17.37 28.34 16.68
#